data_1SRD
#
_entry.id   1SRD
#
_cell.length_a   166.270
_cell.length_b   45.970
_cell.length_c   85.680
_cell.angle_alpha   90.00
_cell.angle_beta   99.38
_cell.angle_gamma   90.00
#
_symmetry.space_group_name_H-M   'C 1 2 1'
#
loop_
_entity.id
_entity.type
_entity.pdbx_description
1 polymer 'COPPER,ZINC SUPEROXIDE DISMUTASE'
2 non-polymer 'COPPER (II) ION'
3 non-polymer 'ZINC ION'
4 water water
#
_entity_poly.entity_id   1
_entity_poly.type   'polypeptide(L)'
_entity_poly.pdbx_seq_one_letter_code
;ATKKAVAVLKGTSNVEGVVTLTQEDDGPTTVNVRISGLAPGKHGFHLHEFGDTTNGCMSTGPHFNPDKKTHGAPEDEVRH
AGDLGNIVANTDGVAEATIVDNQIPLTGPNSVVGRALVVHELEDDLGKGGHELSPTTGNAGGRLACGVVGLTPV
;
_entity_poly.pdbx_strand_id   A,B,C,D
#
loop_
_chem_comp.id
_chem_comp.type
_chem_comp.name
_chem_comp.formula
CU non-polymer 'COPPER (II) ION' 'Cu 2'
ZN non-polymer 'ZINC ION' 'Zn 2'
#
# COMPACT_ATOMS: atom_id res chain seq x y z
N ALA A 1 20.97 1.17 -2.63
CA ALA A 1 20.72 -0.24 -3.02
C ALA A 1 19.26 -0.57 -3.00
N THR A 2 18.68 -0.74 -4.19
CA THR A 2 17.21 -1.07 -4.25
C THR A 2 17.08 -2.31 -5.12
N LYS A 3 16.04 -3.10 -4.91
CA LYS A 3 15.83 -4.36 -5.65
C LYS A 3 14.36 -4.65 -5.92
N LYS A 4 14.00 -5.14 -7.12
CA LYS A 4 12.66 -5.47 -7.50
C LYS A 4 12.55 -6.92 -8.04
N ALA A 5 11.39 -7.46 -8.02
CA ALA A 5 11.06 -8.79 -8.55
C ALA A 5 9.68 -8.70 -9.16
N VAL A 6 9.26 -9.74 -9.86
CA VAL A 6 7.89 -9.77 -10.44
C VAL A 6 7.38 -11.19 -10.48
N ALA A 7 6.08 -11.42 -10.33
CA ALA A 7 5.54 -12.82 -10.39
C ALA A 7 4.36 -12.81 -11.39
N VAL A 8 4.59 -13.44 -12.51
CA VAL A 8 3.48 -13.38 -13.56
C VAL A 8 2.70 -14.64 -13.27
N LEU A 9 1.50 -14.40 -12.66
CA LEU A 9 0.68 -15.55 -12.25
C LEU A 9 -0.11 -16.04 -13.45
N LYS A 10 -0.24 -17.32 -13.60
CA LYS A 10 -1.02 -18.04 -14.58
C LYS A 10 -1.51 -19.36 -13.92
N GLY A 11 -2.70 -19.76 -14.32
CA GLY A 11 -3.24 -21.05 -13.74
C GLY A 11 -3.74 -21.95 -14.83
N THR A 12 -4.53 -22.90 -14.45
CA THR A 12 -5.15 -23.88 -15.46
C THR A 12 -6.61 -23.54 -15.41
N SER A 13 -6.78 -22.22 -15.36
CA SER A 13 -7.96 -21.45 -15.13
C SER A 13 -7.97 -20.16 -15.92
N ASN A 14 -8.87 -19.27 -15.56
CA ASN A 14 -8.93 -17.93 -16.18
C ASN A 14 -8.34 -16.85 -15.29
N VAL A 15 -7.62 -17.22 -14.24
CA VAL A 15 -6.98 -16.21 -13.34
C VAL A 15 -5.57 -15.96 -13.93
N GLU A 16 -5.39 -14.71 -14.31
CA GLU A 16 -4.12 -14.26 -14.93
C GLU A 16 -3.23 -13.69 -13.83
N GLY A 17 -2.94 -12.43 -13.71
CA GLY A 17 -2.15 -11.72 -12.79
C GLY A 17 -0.74 -11.37 -12.91
N VAL A 18 -0.29 -10.38 -12.12
CA VAL A 18 1.10 -9.90 -12.09
C VAL A 18 1.30 -9.12 -10.80
N VAL A 19 2.41 -9.48 -10.14
CA VAL A 19 2.79 -8.84 -8.84
C VAL A 19 4.27 -8.44 -8.85
N THR A 20 4.52 -7.28 -8.20
CA THR A 20 5.97 -6.81 -8.16
C THR A 20 6.31 -6.63 -6.71
N LEU A 21 7.52 -6.74 -6.32
CA LEU A 21 8.02 -6.60 -4.98
C LEU A 21 9.25 -5.71 -5.03
N THR A 22 9.29 -4.66 -4.28
CA THR A 22 10.40 -3.72 -4.21
C THR A 22 10.89 -3.72 -2.73
N GLN A 23 12.15 -3.55 -2.56
CA GLN A 23 12.77 -3.48 -1.22
C GLN A 23 14.03 -2.63 -1.31
N GLU A 24 14.21 -1.72 -0.40
CA GLU A 24 15.39 -0.91 -0.29
C GLU A 24 16.12 -1.23 1.01
N ASP A 25 17.41 -1.07 0.85
CA ASP A 25 18.45 -1.30 1.86
C ASP A 25 18.20 -2.74 2.38
N ASP A 26 17.51 -2.81 3.48
CA ASP A 26 17.21 -4.07 4.17
C ASP A 26 16.11 -3.89 5.19
N GLY A 27 15.12 -3.14 4.68
CA GLY A 27 13.86 -2.85 5.35
C GLY A 27 12.76 -3.78 4.72
N PRO A 28 11.55 -3.25 4.82
CA PRO A 28 10.34 -3.91 4.38
C PRO A 28 10.13 -4.00 2.87
N THR A 29 9.13 -4.81 2.52
CA THR A 29 8.82 -5.02 1.11
C THR A 29 7.40 -4.70 0.71
N THR A 30 7.36 -3.87 -0.35
CA THR A 30 6.10 -3.37 -0.93
C THR A 30 5.79 -4.37 -2.05
N VAL A 31 4.62 -4.85 -2.05
CA VAL A 31 4.13 -5.85 -3.00
C VAL A 31 2.92 -5.17 -3.64
N ASN A 32 2.94 -4.95 -4.91
CA ASN A 32 1.80 -4.34 -5.63
C ASN A 32 1.20 -5.52 -6.44
N VAL A 33 -0.03 -5.86 -6.12
CA VAL A 33 -0.72 -7.02 -6.71
C VAL A 33 -1.84 -6.51 -7.60
N ARG A 34 -2.04 -7.16 -8.72
CA ARG A 34 -3.08 -6.94 -9.68
C ARG A 34 -3.32 -8.29 -10.43
N ILE A 35 -4.50 -8.76 -10.23
CA ILE A 35 -5.14 -9.94 -10.71
C ILE A 35 -6.46 -9.55 -11.37
N SER A 36 -6.96 -10.39 -12.23
CA SER A 36 -8.20 -10.44 -12.95
C SER A 36 -8.55 -11.90 -13.21
N GLY A 37 -9.80 -12.13 -13.53
CA GLY A 37 -10.37 -13.48 -13.81
C GLY A 37 -10.92 -14.18 -12.58
N LEU A 38 -10.75 -13.63 -11.43
CA LEU A 38 -11.21 -14.05 -10.11
C LEU A 38 -12.68 -13.64 -9.89
N ALA A 39 -13.27 -14.20 -8.84
CA ALA A 39 -14.67 -14.02 -8.46
C ALA A 39 -14.86 -13.02 -7.33
N PRO A 40 -15.73 -12.06 -7.50
CA PRO A 40 -15.94 -10.98 -6.49
C PRO A 40 -15.84 -11.53 -5.07
N GLY A 41 -15.14 -10.75 -4.21
CA GLY A 41 -14.89 -11.09 -2.85
C GLY A 41 -13.44 -11.29 -2.48
N LYS A 42 -13.20 -11.95 -1.32
CA LYS A 42 -11.89 -12.22 -0.78
C LYS A 42 -11.34 -13.58 -1.22
N HIS A 43 -10.07 -13.68 -1.38
CA HIS A 43 -9.29 -14.87 -1.75
C HIS A 43 -8.37 -15.27 -0.65
N GLY A 44 -7.18 -15.57 -0.79
CA GLY A 44 -6.05 -15.95 0.10
C GLY A 44 -4.86 -15.50 -0.80
N PHE A 45 -3.81 -15.03 -0.29
CA PHE A 45 -2.63 -14.55 -1.05
C PHE A 45 -1.43 -15.01 -0.21
N HIS A 46 -0.71 -15.99 -0.64
CA HIS A 46 0.42 -16.43 0.20
C HIS A 46 1.67 -16.67 -0.67
N LEU A 47 2.81 -16.59 0.00
CA LEU A 47 4.14 -16.84 -0.56
C LEU A 47 4.48 -18.30 -0.24
N HIS A 48 4.25 -19.21 -1.13
CA HIS A 48 4.45 -20.65 -0.89
C HIS A 48 5.94 -20.96 -1.01
N GLU A 49 6.33 -21.97 -0.28
CA GLU A 49 7.74 -22.28 -0.17
C GLU A 49 8.48 -22.47 -1.49
N PHE A 50 7.98 -23.34 -2.38
CA PHE A 50 8.76 -23.64 -3.61
C PHE A 50 8.27 -22.85 -4.78
N GLY A 51 9.08 -22.82 -5.83
CA GLY A 51 8.66 -22.08 -7.07
C GLY A 51 8.14 -23.14 -8.04
N ASP A 52 8.59 -24.33 -7.91
CA ASP A 52 8.32 -25.54 -8.62
C ASP A 52 7.56 -25.30 -9.90
N THR A 53 6.33 -25.59 -10.01
CA THR A 53 5.36 -25.40 -11.06
C THR A 53 5.18 -26.59 -11.97
N THR A 54 6.00 -27.65 -11.75
CA THR A 54 5.97 -28.81 -12.60
C THR A 54 4.67 -29.59 -12.57
N ASN A 55 4.14 -29.67 -11.35
CA ASN A 55 2.81 -30.39 -11.26
C ASN A 55 1.87 -29.25 -10.86
N GLY A 56 1.71 -28.39 -11.89
CA GLY A 56 0.88 -27.21 -11.82
C GLY A 56 1.21 -26.34 -10.61
N CYS A 57 0.15 -25.87 -9.94
CA CYS A 57 0.21 -25.09 -8.76
C CYS A 57 0.32 -25.92 -7.48
N MET A 58 0.04 -27.21 -7.50
CA MET A 58 0.15 -28.07 -6.31
C MET A 58 1.60 -28.35 -5.96
N SER A 59 2.61 -27.99 -6.76
CA SER A 59 3.99 -28.37 -6.34
C SER A 59 4.68 -27.26 -5.53
N THR A 60 3.97 -26.22 -5.25
CA THR A 60 4.52 -25.07 -4.53
C THR A 60 4.68 -25.33 -3.07
N GLY A 61 4.40 -26.50 -2.58
CA GLY A 61 4.54 -26.79 -1.08
C GLY A 61 3.55 -25.90 -0.35
N PRO A 62 3.68 -25.90 1.00
CA PRO A 62 2.80 -25.05 1.89
C PRO A 62 3.29 -23.60 1.83
N HIS A 63 2.99 -22.78 2.79
CA HIS A 63 3.40 -21.40 2.98
C HIS A 63 4.81 -21.30 3.51
N PHE A 64 5.55 -20.30 3.01
CA PHE A 64 6.99 -20.15 3.43
C PHE A 64 6.96 -19.97 4.96
N ASN A 65 7.72 -20.79 5.64
CA ASN A 65 7.66 -20.69 7.16
C ASN A 65 8.97 -21.03 7.78
N PRO A 66 9.93 -20.10 7.67
CA PRO A 66 11.26 -20.32 8.20
C PRO A 66 11.32 -20.24 9.71
N ASP A 67 10.52 -19.36 10.24
CA ASP A 67 10.50 -19.04 11.67
C ASP A 67 9.60 -20.02 12.41
N LYS A 68 9.08 -20.99 11.68
CA LYS A 68 8.25 -22.06 12.21
C LYS A 68 7.15 -21.50 13.12
N LYS A 69 6.03 -21.23 12.50
CA LYS A 69 4.86 -20.70 13.21
C LYS A 69 3.64 -21.40 12.66
N THR A 70 2.50 -21.00 13.19
CA THR A 70 1.18 -21.43 12.78
C THR A 70 0.74 -20.37 11.77
N HIS A 71 -0.35 -20.67 11.11
CA HIS A 71 -0.99 -19.82 10.15
C HIS A 71 -1.71 -18.70 10.85
N GLY A 72 -1.66 -17.48 10.28
CA GLY A 72 -2.34 -16.33 10.86
C GLY A 72 -2.60 -15.24 9.81
N ALA A 73 -2.69 -14.01 10.27
CA ALA A 73 -2.86 -12.83 9.38
C ALA A 73 -1.52 -12.09 9.40
N PRO A 74 -1.31 -11.23 8.41
CA PRO A 74 -0.10 -10.44 8.28
C PRO A 74 0.21 -9.66 9.55
N GLU A 75 -0.87 -9.24 10.19
CA GLU A 75 -0.84 -8.50 11.46
C GLU A 75 -1.09 -9.53 12.55
N ASP A 76 -0.18 -10.45 12.67
CA ASP A 76 -0.31 -11.52 13.71
C ASP A 76 1.18 -11.85 13.97
N GLU A 77 1.44 -11.99 15.28
CA GLU A 77 2.78 -12.36 15.73
C GLU A 77 2.87 -13.87 15.41
N VAL A 78 1.84 -14.60 15.68
CA VAL A 78 1.86 -16.09 15.59
C VAL A 78 1.91 -16.57 14.19
N ARG A 79 1.65 -15.85 13.22
CA ARG A 79 1.72 -16.06 11.77
C ARG A 79 2.89 -16.81 11.14
N HIS A 80 2.59 -17.43 9.98
CA HIS A 80 3.54 -18.12 9.15
C HIS A 80 4.78 -17.36 8.73
N ALA A 81 4.83 -16.68 7.65
CA ALA A 81 5.84 -15.90 7.02
C ALA A 81 5.27 -15.46 5.60
N GLY A 82 4.76 -16.49 4.96
CA GLY A 82 4.15 -16.29 3.63
C GLY A 82 2.70 -15.85 3.73
N ASP A 83 2.16 -15.59 4.94
CA ASP A 83 0.68 -15.24 4.97
C ASP A 83 0.55 -13.83 4.43
N LEU A 84 -0.29 -13.52 3.49
CA LEU A 84 -0.33 -12.12 3.02
C LEU A 84 -1.77 -11.63 3.08
N GLY A 85 -2.53 -12.27 3.95
CA GLY A 85 -3.95 -12.06 4.18
C GLY A 85 -4.82 -12.35 3.00
N ASN A 86 -5.75 -11.42 2.67
CA ASN A 86 -6.69 -11.63 1.57
C ASN A 86 -6.65 -10.36 0.65
N ILE A 87 -6.75 -10.59 -0.62
CA ILE A 87 -6.90 -9.52 -1.63
C ILE A 87 -8.40 -9.59 -1.97
N VAL A 88 -8.98 -8.43 -2.19
CA VAL A 88 -10.39 -8.23 -2.54
C VAL A 88 -10.59 -8.06 -4.05
N ALA A 89 -11.49 -8.84 -4.62
CA ALA A 89 -11.85 -8.72 -6.00
C ALA A 89 -13.11 -7.90 -6.22
N ASN A 90 -13.06 -6.88 -7.13
CA ASN A 90 -14.19 -6.09 -7.51
C ASN A 90 -15.16 -6.97 -8.36
N THR A 91 -16.24 -6.36 -8.75
CA THR A 91 -17.41 -6.69 -9.50
C THR A 91 -17.19 -7.16 -10.91
N ASP A 92 -16.07 -6.89 -11.46
CA ASP A 92 -15.52 -7.21 -12.78
C ASP A 92 -14.41 -8.28 -12.63
N GLY A 93 -14.37 -8.88 -11.46
CA GLY A 93 -13.35 -9.81 -11.04
C GLY A 93 -11.98 -9.26 -11.18
N VAL A 94 -11.54 -8.21 -10.49
CA VAL A 94 -10.19 -7.67 -10.59
C VAL A 94 -9.79 -7.19 -9.16
N ALA A 95 -8.62 -7.61 -8.78
CA ALA A 95 -8.09 -7.23 -7.47
C ALA A 95 -6.79 -6.48 -7.61
N GLU A 96 -6.70 -5.40 -6.81
CA GLU A 96 -5.47 -4.60 -6.78
C GLU A 96 -5.16 -4.33 -5.33
N ALA A 97 -3.94 -4.44 -4.91
CA ALA A 97 -3.64 -4.11 -3.48
C ALA A 97 -2.23 -3.57 -3.39
N THR A 98 -1.81 -3.25 -2.21
CA THR A 98 -0.48 -2.76 -1.87
C THR A 98 -0.16 -3.25 -0.44
N ILE A 99 0.57 -4.33 -0.38
CA ILE A 99 1.02 -4.93 0.87
C ILE A 99 2.41 -4.42 1.23
N VAL A 100 2.55 -4.07 2.52
CA VAL A 100 3.92 -3.70 3.01
C VAL A 100 4.22 -4.68 4.12
N ASP A 101 4.97 -5.73 3.75
CA ASP A 101 5.31 -6.79 4.72
C ASP A 101 6.78 -6.65 5.06
N ASN A 102 7.20 -7.20 6.16
CA ASN A 102 8.61 -7.15 6.63
C ASN A 102 9.12 -8.60 6.82
N GLN A 103 8.38 -9.62 6.33
CA GLN A 103 8.75 -11.01 6.42
C GLN A 103 9.15 -11.74 5.15
N ILE A 104 9.10 -11.09 4.03
CA ILE A 104 9.43 -11.51 2.69
C ILE A 104 10.52 -10.72 2.02
N PRO A 105 11.76 -10.75 2.52
CA PRO A 105 12.87 -10.03 1.96
C PRO A 105 13.18 -10.54 0.56
N LEU A 106 14.05 -9.80 -0.09
CA LEU A 106 14.62 -10.12 -1.40
C LEU A 106 16.14 -10.22 -1.23
N THR A 107 16.62 -10.18 0.04
CA THR A 107 18.04 -10.37 0.30
C THR A 107 18.35 -11.27 1.48
N GLY A 108 19.46 -11.90 1.42
CA GLY A 108 20.10 -12.77 2.41
C GLY A 108 19.25 -14.03 2.66
N PRO A 109 19.35 -14.48 3.90
CA PRO A 109 18.56 -15.68 4.31
C PRO A 109 17.12 -15.22 4.41
N ASN A 110 16.21 -16.03 4.07
CA ASN A 110 14.79 -15.79 4.05
C ASN A 110 14.38 -15.11 2.73
N SER A 111 15.35 -14.79 1.91
CA SER A 111 15.05 -14.19 0.59
C SER A 111 13.94 -15.00 -0.04
N VAL A 112 13.00 -14.37 -0.67
CA VAL A 112 11.91 -15.08 -1.35
C VAL A 112 12.11 -15.06 -2.85
N VAL A 113 13.38 -15.00 -3.27
CA VAL A 113 13.63 -15.01 -4.75
C VAL A 113 13.59 -16.51 -5.02
N GLY A 114 13.05 -16.84 -6.17
CA GLY A 114 12.81 -18.16 -6.62
C GLY A 114 11.72 -18.89 -5.91
N ARG A 115 10.84 -18.24 -5.17
CA ARG A 115 9.71 -18.87 -4.46
C ARG A 115 8.40 -18.47 -5.13
N ALA A 116 7.25 -19.01 -4.75
CA ALA A 116 5.98 -18.71 -5.48
C ALA A 116 4.96 -17.91 -4.73
N LEU A 117 4.19 -17.15 -5.47
CA LEU A 117 3.07 -16.33 -4.89
C LEU A 117 1.81 -16.99 -5.44
N VAL A 118 0.91 -17.39 -4.57
CA VAL A 118 -0.34 -18.02 -4.95
C VAL A 118 -1.55 -17.19 -4.42
N VAL A 119 -2.54 -17.22 -5.26
CA VAL A 119 -3.87 -16.71 -5.03
C VAL A 119 -4.82 -17.93 -4.98
N HIS A 120 -5.55 -18.01 -3.92
CA HIS A 120 -6.45 -19.14 -3.67
C HIS A 120 -7.88 -18.80 -4.03
N GLU A 121 -8.69 -19.81 -4.20
CA GLU A 121 -10.08 -19.74 -4.53
C GLU A 121 -10.95 -19.26 -3.35
N LEU A 122 -10.84 -19.90 -2.18
CA LEU A 122 -11.68 -19.44 -1.07
C LEU A 122 -10.97 -18.36 -0.26
N GLU A 123 -11.75 -17.80 0.65
CA GLU A 123 -11.20 -16.74 1.51
C GLU A 123 -10.39 -17.40 2.62
N ASP A 124 -9.34 -16.70 3.11
CA ASP A 124 -8.55 -17.24 4.23
C ASP A 124 -9.22 -16.87 5.59
N ASP A 125 -9.21 -17.80 6.49
CA ASP A 125 -9.71 -17.74 7.84
C ASP A 125 -8.98 -16.84 8.84
N LEU A 126 -7.72 -16.60 8.54
CA LEU A 126 -6.76 -15.90 9.40
C LEU A 126 -6.36 -16.87 10.53
N GLY A 127 -6.74 -18.13 10.38
CA GLY A 127 -6.48 -19.20 11.33
C GLY A 127 -7.51 -19.02 12.52
N LYS A 128 -8.55 -18.22 12.18
CA LYS A 128 -9.60 -17.94 13.13
C LYS A 128 -10.56 -19.12 13.19
N GLY A 129 -10.92 -19.79 12.15
CA GLY A 129 -11.86 -20.94 12.21
C GLY A 129 -11.30 -22.13 12.91
N GLY A 130 -11.95 -23.28 12.92
CA GLY A 130 -11.34 -24.45 13.72
C GLY A 130 -11.47 -25.72 12.91
N HIS A 131 -11.43 -25.54 11.60
CA HIS A 131 -11.58 -26.65 10.59
C HIS A 131 -10.67 -27.78 10.89
N GLU A 132 -9.44 -27.81 10.61
CA GLU A 132 -8.33 -28.67 10.82
C GLU A 132 -7.17 -28.03 10.07
N LEU A 133 -7.52 -27.47 8.92
CA LEU A 133 -6.64 -26.75 8.04
C LEU A 133 -6.64 -25.25 8.31
N SER A 134 -7.38 -24.79 9.32
CA SER A 134 -7.30 -23.45 9.83
C SER A 134 -5.90 -23.05 10.26
N PRO A 135 -5.19 -23.84 11.03
CA PRO A 135 -3.82 -23.50 11.44
C PRO A 135 -2.74 -23.72 10.40
N THR A 136 -3.11 -24.24 9.26
CA THR A 136 -2.16 -24.60 8.20
C THR A 136 -2.35 -23.82 6.91
N THR A 137 -3.58 -23.70 6.49
CA THR A 137 -3.94 -22.99 5.25
C THR A 137 -4.78 -21.77 5.39
N GLY A 138 -5.70 -21.75 6.31
CA GLY A 138 -6.69 -20.71 6.57
C GLY A 138 -7.92 -21.16 5.76
N ASN A 139 -7.97 -22.44 5.50
CA ASN A 139 -9.02 -23.11 4.72
C ASN A 139 -9.35 -22.28 3.50
N ALA A 140 -8.31 -21.87 2.79
CA ALA A 140 -8.46 -21.05 1.59
C ALA A 140 -8.44 -21.95 0.36
N GLY A 141 -8.00 -23.15 0.62
CA GLY A 141 -7.78 -24.23 -0.30
C GLY A 141 -8.30 -24.10 -1.70
N GLY A 142 -7.42 -24.19 -2.65
CA GLY A 142 -7.80 -24.18 -4.10
C GLY A 142 -6.89 -23.19 -4.80
N ARG A 143 -5.84 -23.70 -5.42
CA ARG A 143 -4.77 -22.88 -6.05
C ARG A 143 -5.12 -22.43 -7.43
N LEU A 144 -5.66 -21.25 -7.66
CA LEU A 144 -6.15 -20.74 -8.94
C LEU A 144 -5.11 -20.24 -9.92
N ALA A 145 -3.95 -19.85 -9.49
CA ALA A 145 -2.88 -19.34 -10.32
C ALA A 145 -1.70 -19.05 -9.41
N CYS A 146 -0.50 -19.33 -9.89
CA CYS A 146 0.75 -19.06 -9.12
C CYS A 146 1.86 -18.59 -10.01
N GLY A 147 2.90 -17.99 -9.47
CA GLY A 147 4.04 -17.55 -10.32
C GLY A 147 5.29 -17.66 -9.46
N VAL A 148 6.43 -17.91 -10.06
CA VAL A 148 7.70 -18.02 -9.36
C VAL A 148 8.31 -16.60 -9.24
N VAL A 149 8.87 -16.21 -8.16
CA VAL A 149 9.43 -14.87 -7.92
C VAL A 149 10.77 -14.67 -8.65
N GLY A 150 10.74 -13.92 -9.70
CA GLY A 150 11.87 -13.60 -10.54
C GLY A 150 12.41 -12.19 -10.47
N LEU A 151 13.73 -12.07 -10.64
CA LEU A 151 14.47 -10.83 -10.67
C LEU A 151 14.08 -9.96 -11.90
N THR A 152 13.97 -8.69 -11.64
CA THR A 152 13.69 -7.65 -12.64
C THR A 152 14.50 -6.40 -12.29
N PRO A 153 14.91 -5.64 -13.30
CA PRO A 153 15.75 -4.47 -13.15
C PRO A 153 15.63 -3.52 -12.02
N VAL A 154 15.14 -2.28 -12.16
CA VAL A 154 15.06 -1.29 -11.05
C VAL A 154 14.45 0.02 -11.49
N ALA B 1 25.02 -29.89 1.98
CA ALA B 1 24.46 -28.56 1.78
C ALA B 1 23.89 -28.51 0.35
N THR B 2 23.29 -29.63 -0.02
CA THR B 2 22.71 -29.82 -1.35
C THR B 2 21.52 -28.95 -1.65
N LYS B 3 21.36 -28.83 -3.00
CA LYS B 3 20.29 -27.97 -3.55
C LYS B 3 19.73 -28.53 -4.83
N LYS B 4 18.58 -28.04 -5.21
CA LYS B 4 17.84 -28.33 -6.36
C LYS B 4 16.99 -27.08 -6.70
N ALA B 5 16.72 -26.98 -7.98
CA ALA B 5 15.97 -25.95 -8.64
C ALA B 5 15.39 -26.58 -9.89
N VAL B 6 14.30 -26.04 -10.35
CA VAL B 6 13.61 -26.52 -11.55
C VAL B 6 13.30 -25.23 -12.29
N ALA B 7 12.89 -25.36 -13.52
CA ALA B 7 12.40 -24.21 -14.36
C ALA B 7 11.54 -24.96 -15.39
N VAL B 8 10.27 -24.57 -15.57
CA VAL B 8 9.42 -25.33 -16.52
C VAL B 8 9.11 -24.51 -17.79
N LEU B 9 9.90 -24.67 -18.79
CA LEU B 9 9.78 -23.92 -20.07
C LEU B 9 8.41 -23.93 -20.74
N LYS B 10 7.92 -22.74 -21.02
CA LYS B 10 6.66 -22.53 -21.77
C LYS B 10 6.66 -21.17 -22.49
N GLY B 11 6.42 -21.20 -23.78
CA GLY B 11 6.40 -19.99 -24.56
C GLY B 11 5.02 -19.79 -25.17
N THR B 12 4.93 -18.79 -26.06
CA THR B 12 3.62 -18.57 -26.80
C THR B 12 3.70 -19.43 -28.05
N SER B 13 4.19 -20.70 -27.85
CA SER B 13 4.35 -21.67 -28.95
C SER B 13 4.20 -23.12 -28.47
N ASN B 14 4.13 -24.09 -29.36
CA ASN B 14 3.97 -25.50 -28.92
C ASN B 14 5.28 -26.16 -28.49
N VAL B 15 6.01 -25.51 -27.65
CA VAL B 15 7.29 -25.74 -27.07
C VAL B 15 7.11 -25.72 -25.53
N GLU B 16 7.33 -26.89 -24.96
CA GLU B 16 7.17 -27.19 -23.53
C GLU B 16 8.47 -27.31 -22.82
N GLY B 17 8.68 -28.21 -21.88
CA GLY B 17 9.95 -28.38 -21.20
C GLY B 17 9.95 -28.16 -19.70
N VAL B 18 10.94 -28.65 -19.05
CA VAL B 18 11.28 -28.65 -17.66
C VAL B 18 12.79 -28.99 -17.56
N VAL B 19 13.50 -28.15 -16.84
CA VAL B 19 14.89 -28.30 -16.55
C VAL B 19 14.97 -28.30 -14.93
N THR B 20 15.88 -29.19 -14.53
CA THR B 20 16.17 -29.09 -13.04
C THR B 20 17.67 -28.78 -12.98
N LEU B 21 18.15 -28.14 -12.00
CA LEU B 21 19.59 -27.86 -11.79
C LEU B 21 19.91 -28.27 -10.36
N THR B 22 21.07 -28.83 -10.17
CA THR B 22 21.50 -29.38 -8.89
C THR B 22 22.94 -29.01 -8.52
N GLN B 23 23.12 -28.53 -7.33
CA GLN B 23 24.47 -28.12 -6.81
C GLN B 23 24.63 -28.64 -5.41
N GLU B 24 25.82 -29.14 -5.11
CA GLU B 24 26.37 -29.67 -3.94
C GLU B 24 27.59 -28.86 -3.51
N ASP B 25 27.61 -28.65 -2.19
CA ASP B 25 28.74 -27.85 -1.56
C ASP B 25 28.65 -26.52 -2.30
N ASP B 26 29.78 -26.02 -2.84
CA ASP B 26 29.72 -24.73 -3.59
C ASP B 26 30.62 -24.93 -4.84
N GLY B 27 30.28 -25.98 -5.57
CA GLY B 27 30.97 -26.41 -6.75
C GLY B 27 30.04 -26.37 -7.98
N PRO B 28 30.33 -27.36 -8.86
CA PRO B 28 29.58 -27.50 -10.10
C PRO B 28 28.11 -27.71 -9.98
N THR B 29 27.32 -27.59 -11.01
CA THR B 29 25.85 -27.77 -11.05
C THR B 29 25.44 -28.48 -12.34
N THR B 30 24.75 -29.58 -12.19
CA THR B 30 24.26 -30.47 -13.22
C THR B 30 22.84 -30.09 -13.70
N VAL B 31 22.71 -29.89 -14.97
CA VAL B 31 21.38 -29.52 -15.49
C VAL B 31 20.90 -30.63 -16.42
N ASN B 32 19.75 -31.15 -16.13
CA ASN B 32 18.95 -32.12 -16.83
C ASN B 32 17.89 -31.40 -17.66
N VAL B 33 17.97 -31.50 -18.99
CA VAL B 33 17.01 -30.81 -19.84
C VAL B 33 16.16 -31.80 -20.64
N ARG B 34 14.89 -31.41 -20.74
CA ARG B 34 13.92 -32.16 -21.53
C ARG B 34 12.87 -31.13 -21.97
N ILE B 35 12.68 -31.07 -23.26
CA ILE B 35 11.78 -30.16 -24.01
C ILE B 35 11.24 -30.99 -25.16
N SER B 36 10.07 -30.75 -25.60
CA SER B 36 9.15 -31.26 -26.56
C SER B 36 8.56 -30.27 -27.56
N GLY B 37 8.49 -30.73 -28.81
CA GLY B 37 7.90 -30.02 -29.92
C GLY B 37 8.66 -28.81 -30.40
N LEU B 38 9.92 -29.09 -30.43
CA LEU B 38 10.99 -28.20 -30.94
C LEU B 38 11.22 -28.83 -32.31
N ALA B 39 11.66 -28.21 -33.31
CA ALA B 39 11.95 -28.76 -34.65
C ALA B 39 13.30 -29.41 -34.65
N PRO B 40 13.45 -30.55 -35.32
CA PRO B 40 14.71 -31.32 -35.32
C PRO B 40 15.92 -30.43 -35.52
N GLY B 41 17.02 -30.71 -34.83
CA GLY B 41 18.25 -29.95 -34.99
C GLY B 41 18.70 -29.18 -33.79
N LYS B 42 19.66 -28.32 -33.96
CA LYS B 42 20.24 -27.49 -32.89
C LYS B 42 19.43 -26.23 -32.62
N HIS B 43 19.45 -25.90 -31.31
CA HIS B 43 18.78 -24.70 -30.81
C HIS B 43 19.79 -23.81 -30.16
N GLY B 44 19.50 -23.06 -29.18
CA GLY B 44 20.44 -22.25 -28.35
C GLY B 44 19.88 -22.57 -26.91
N PHE B 45 20.72 -22.60 -25.94
CA PHE B 45 20.20 -22.90 -24.55
C PHE B 45 20.96 -21.96 -23.62
N HIS B 46 20.28 -20.87 -23.13
CA HIS B 46 21.03 -19.93 -22.29
C HIS B 46 20.31 -19.56 -20.97
N LEU B 47 21.09 -19.05 -20.04
CA LEU B 47 20.55 -18.56 -18.75
C LEU B 47 20.65 -17.00 -19.02
N HIS B 48 19.53 -16.44 -19.00
CA HIS B 48 19.29 -15.00 -19.27
C HIS B 48 19.30 -14.24 -17.97
N GLU B 49 19.60 -13.00 -17.91
CA GLU B 49 19.75 -12.27 -16.67
C GLU B 49 18.58 -12.21 -15.70
N PHE B 50 17.44 -11.83 -16.19
CA PHE B 50 16.28 -11.58 -15.38
C PHE B 50 15.27 -12.67 -15.54
N GLY B 51 14.48 -12.84 -14.53
CA GLY B 51 13.39 -13.80 -14.54
C GLY B 51 12.20 -13.17 -15.15
N ASP B 52 12.07 -11.92 -15.43
CA ASP B 52 10.86 -11.20 -15.88
C ASP B 52 9.68 -12.06 -16.29
N THR B 53 9.34 -12.20 -17.51
CA THR B 53 8.27 -13.01 -18.14
C THR B 53 7.01 -12.24 -18.37
N THR B 54 6.94 -10.94 -17.98
CA THR B 54 5.71 -10.14 -18.25
C THR B 54 5.51 -9.79 -19.72
N ASN B 55 6.56 -9.52 -20.51
CA ASN B 55 6.48 -9.30 -21.98
C ASN B 55 7.18 -10.56 -22.59
N GLY B 56 6.52 -11.69 -22.28
CA GLY B 56 7.01 -13.01 -22.75
C GLY B 56 8.48 -13.14 -22.39
N CYS B 57 9.22 -13.73 -23.26
CA CYS B 57 10.64 -14.09 -23.06
C CYS B 57 11.62 -13.00 -23.35
N MET B 58 11.09 -11.97 -23.99
CA MET B 58 11.88 -10.83 -24.52
C MET B 58 12.19 -9.86 -23.45
N SER B 59 11.71 -10.12 -22.23
CA SER B 59 12.01 -9.19 -21.13
C SER B 59 12.91 -9.88 -20.10
N THR B 60 13.37 -11.07 -20.46
CA THR B 60 14.29 -11.89 -19.70
C THR B 60 15.68 -11.29 -19.78
N GLY B 61 15.81 -10.38 -20.79
CA GLY B 61 17.02 -9.65 -21.07
C GLY B 61 18.10 -10.48 -21.74
N PRO B 62 19.31 -9.93 -21.69
CA PRO B 62 20.49 -10.55 -22.29
C PRO B 62 20.84 -11.81 -21.52
N HIS B 63 21.91 -12.42 -21.93
CA HIS B 63 22.44 -13.63 -21.25
C HIS B 63 23.10 -13.20 -19.96
N PHE B 64 22.87 -13.99 -18.93
CA PHE B 64 23.53 -13.80 -17.61
C PHE B 64 25.03 -13.66 -17.85
N ASN B 65 25.55 -12.51 -17.48
CA ASN B 65 26.97 -12.18 -17.74
C ASN B 65 27.58 -11.36 -16.62
N PRO B 66 28.02 -11.99 -15.57
CA PRO B 66 28.58 -11.27 -14.43
C PRO B 66 30.01 -10.85 -14.62
N ASP B 67 30.79 -11.76 -15.20
CA ASP B 67 32.23 -11.60 -15.41
C ASP B 67 32.44 -10.70 -16.61
N LYS B 68 31.40 -10.20 -17.21
CA LYS B 68 31.40 -9.31 -18.34
C LYS B 68 32.39 -9.81 -19.41
N LYS B 69 31.91 -10.67 -20.28
CA LYS B 69 32.75 -11.18 -21.37
C LYS B 69 31.98 -11.16 -22.66
N THR B 70 32.54 -11.75 -23.69
CA THR B 70 31.82 -11.92 -24.95
C THR B 70 31.17 -13.30 -24.97
N HIS B 71 30.46 -13.56 -26.06
CA HIS B 71 29.71 -14.81 -26.20
C HIS B 71 30.59 -15.96 -26.67
N GLY B 72 30.26 -17.14 -26.17
CA GLY B 72 31.01 -18.33 -26.52
C GLY B 72 30.33 -19.61 -26.13
N ALA B 73 31.10 -20.68 -26.29
CA ALA B 73 30.60 -22.06 -26.01
C ALA B 73 30.92 -22.35 -24.56
N PRO B 74 30.18 -23.31 -23.98
CA PRO B 74 30.40 -23.67 -22.59
C PRO B 74 31.89 -23.82 -22.37
N GLU B 75 32.53 -24.59 -23.24
CA GLU B 75 33.98 -24.83 -23.19
C GLU B 75 34.64 -23.73 -24.00
N ASP B 76 34.91 -22.62 -23.38
CA ASP B 76 35.54 -21.43 -23.94
C ASP B 76 35.83 -20.53 -22.70
N GLU B 77 36.91 -19.82 -22.86
CA GLU B 77 37.40 -18.88 -21.89
C GLU B 77 36.61 -17.55 -22.00
N VAL B 78 36.51 -17.12 -23.22
CA VAL B 78 35.89 -15.85 -23.64
C VAL B 78 34.42 -15.77 -23.32
N ARG B 79 33.79 -16.80 -22.96
CA ARG B 79 32.43 -17.04 -22.53
C ARG B 79 31.60 -16.11 -21.70
N HIS B 80 30.22 -16.02 -21.90
CA HIS B 80 29.33 -15.16 -21.17
C HIS B 80 29.16 -15.56 -19.69
N ALA B 81 28.48 -16.60 -19.38
CA ALA B 81 28.17 -17.27 -18.18
C ALA B 81 26.80 -18.04 -18.30
N GLY B 82 25.94 -17.42 -19.00
CA GLY B 82 24.58 -17.89 -19.34
C GLY B 82 24.67 -18.91 -20.49
N ASP B 83 25.69 -18.77 -21.29
CA ASP B 83 25.97 -19.61 -22.46
C ASP B 83 26.05 -21.10 -22.14
N LEU B 84 24.97 -21.81 -22.41
CA LEU B 84 25.00 -23.30 -22.13
C LEU B 84 25.15 -24.05 -23.44
N GLY B 85 25.33 -23.30 -24.55
CA GLY B 85 25.50 -23.92 -25.87
C GLY B 85 24.20 -24.28 -26.48
N ASN B 86 24.10 -25.27 -27.28
CA ASN B 86 23.05 -25.88 -27.98
C ASN B 86 22.69 -27.26 -27.44
N ILE B 87 21.42 -27.55 -27.53
CA ILE B 87 20.85 -28.87 -27.16
C ILE B 87 20.27 -29.36 -28.51
N VAL B 88 20.28 -30.63 -28.73
CA VAL B 88 19.77 -31.22 -29.96
C VAL B 88 18.43 -31.88 -29.80
N ALA B 89 17.46 -31.46 -30.63
CA ALA B 89 16.12 -32.11 -30.61
C ALA B 89 16.21 -33.22 -31.69
N ASN B 90 15.58 -34.33 -31.44
CA ASN B 90 15.47 -35.50 -32.23
C ASN B 90 14.39 -35.25 -33.32
N THR B 91 14.08 -36.23 -34.11
CA THR B 91 13.13 -36.26 -35.22
C THR B 91 11.68 -36.20 -34.71
N ASP B 92 11.48 -36.65 -33.49
CA ASP B 92 10.11 -36.52 -32.86
C ASP B 92 10.11 -35.22 -32.10
N GLY B 93 11.24 -34.51 -32.13
CA GLY B 93 11.37 -33.18 -31.55
C GLY B 93 11.48 -33.11 -30.04
N VAL B 94 12.05 -34.17 -29.46
CA VAL B 94 12.34 -34.14 -28.00
C VAL B 94 13.81 -33.78 -27.87
N ALA B 95 14.26 -33.20 -26.77
CA ALA B 95 15.69 -32.89 -26.56
C ALA B 95 15.99 -33.24 -25.11
N GLU B 96 16.98 -34.10 -24.84
CA GLU B 96 17.39 -34.44 -23.49
C GLU B 96 18.88 -34.29 -23.24
N ALA B 97 19.23 -33.32 -22.41
CA ALA B 97 20.64 -33.03 -22.14
C ALA B 97 20.99 -32.97 -20.69
N THR B 98 22.26 -33.08 -20.43
CA THR B 98 22.88 -33.10 -19.09
C THR B 98 24.18 -32.32 -19.18
N ILE B 99 24.08 -31.03 -19.08
CA ILE B 99 25.09 -30.03 -19.13
C ILE B 99 25.57 -29.91 -17.68
N VAL B 100 26.85 -29.93 -17.49
CA VAL B 100 27.45 -29.78 -16.11
C VAL B 100 28.38 -28.60 -16.13
N ASP B 101 27.94 -27.46 -15.59
CA ASP B 101 28.75 -26.23 -15.63
C ASP B 101 29.15 -25.71 -14.27
N ASN B 102 30.22 -24.91 -14.30
CA ASN B 102 30.82 -24.29 -13.15
C ASN B 102 30.58 -22.83 -13.05
N GLN B 103 29.55 -22.37 -13.76
CA GLN B 103 29.36 -20.91 -13.82
C GLN B 103 27.96 -20.45 -13.51
N ILE B 104 27.06 -21.34 -13.27
CA ILE B 104 25.70 -21.05 -12.79
C ILE B 104 25.49 -21.65 -11.40
N PRO B 105 26.10 -21.02 -10.41
CA PRO B 105 25.92 -21.40 -8.98
C PRO B 105 24.45 -21.28 -8.61
N LEU B 106 24.04 -21.77 -7.42
CA LEU B 106 22.71 -21.67 -6.87
C LEU B 106 22.73 -21.00 -5.48
N THR B 107 23.94 -20.81 -5.00
CA THR B 107 24.22 -20.09 -3.76
C THR B 107 25.22 -18.98 -4.14
N GLY B 108 25.23 -18.00 -3.22
CA GLY B 108 25.99 -16.81 -3.15
C GLY B 108 25.81 -15.86 -4.33
N PRO B 109 26.77 -14.99 -4.51
CA PRO B 109 26.78 -14.08 -5.69
C PRO B 109 26.75 -14.94 -6.94
N ASN B 110 26.30 -14.41 -8.05
CA ASN B 110 26.21 -15.07 -9.34
C ASN B 110 25.08 -16.11 -9.34
N SER B 111 24.40 -16.28 -8.25
CA SER B 111 23.31 -17.24 -8.08
C SER B 111 22.29 -17.04 -9.16
N VAL B 112 21.87 -18.17 -9.75
CA VAL B 112 20.86 -18.03 -10.83
C VAL B 112 19.49 -18.31 -10.29
N VAL B 113 19.31 -18.16 -8.98
CA VAL B 113 17.87 -18.34 -8.50
C VAL B 113 17.18 -17.02 -8.88
N GLY B 114 16.04 -17.15 -9.52
CA GLY B 114 15.24 -16.02 -9.97
C GLY B 114 15.61 -15.45 -11.33
N ARG B 115 16.27 -16.24 -12.14
CA ARG B 115 16.75 -15.92 -13.48
C ARG B 115 15.95 -16.69 -14.47
N ALA B 116 16.29 -16.80 -15.73
CA ALA B 116 15.48 -17.54 -16.70
C ALA B 116 16.37 -18.36 -17.63
N LEU B 117 15.80 -19.51 -17.99
CA LEU B 117 16.44 -20.47 -18.93
C LEU B 117 15.62 -20.28 -20.18
N VAL B 118 16.16 -20.05 -21.31
CA VAL B 118 15.54 -19.80 -22.63
C VAL B 118 16.13 -20.67 -23.73
N VAL B 119 15.36 -21.39 -24.43
CA VAL B 119 15.72 -22.26 -25.58
C VAL B 119 15.43 -21.40 -26.82
N HIS B 120 16.45 -21.21 -27.60
CA HIS B 120 16.37 -20.35 -28.80
C HIS B 120 15.93 -21.21 -29.98
N GLU B 121 15.34 -20.55 -30.96
CA GLU B 121 14.86 -21.34 -32.12
C GLU B 121 15.98 -21.69 -33.10
N LEU B 122 16.96 -20.82 -33.24
CA LEU B 122 18.08 -21.17 -34.15
C LEU B 122 19.25 -21.70 -33.29
N GLU B 123 20.18 -22.23 -34.10
CA GLU B 123 21.39 -22.82 -33.57
C GLU B 123 22.29 -21.64 -33.22
N ASP B 124 22.91 -21.78 -32.07
CA ASP B 124 23.79 -20.71 -31.55
C ASP B 124 25.13 -20.87 -32.16
N ASP B 125 25.69 -19.84 -32.75
CA ASP B 125 26.98 -19.84 -33.38
C ASP B 125 28.17 -20.29 -32.54
N LEU B 126 28.10 -20.03 -31.26
CA LEU B 126 29.20 -20.25 -30.32
C LEU B 126 30.20 -19.10 -30.42
N GLY B 127 29.74 -18.01 -31.04
CA GLY B 127 30.65 -16.86 -31.19
C GLY B 127 31.62 -17.08 -32.40
N LYS B 128 31.49 -18.23 -33.05
CA LYS B 128 32.46 -18.50 -34.19
C LYS B 128 32.10 -17.64 -35.39
N GLY B 129 30.81 -17.58 -35.59
CA GLY B 129 30.20 -16.80 -36.71
C GLY B 129 30.61 -15.34 -36.59
N GLY B 130 30.30 -14.58 -37.61
CA GLY B 130 30.73 -13.20 -37.78
C GLY B 130 29.62 -12.26 -38.13
N HIS B 131 28.39 -12.75 -37.92
CA HIS B 131 27.14 -12.09 -38.17
C HIS B 131 27.23 -10.59 -37.88
N GLU B 132 27.11 -10.22 -36.65
CA GLU B 132 27.16 -9.00 -35.98
C GLU B 132 26.69 -9.26 -34.52
N LEU B 133 25.70 -10.07 -34.36
CA LEU B 133 25.21 -10.42 -32.99
C LEU B 133 25.96 -11.68 -32.50
N SER B 134 26.84 -12.28 -33.30
CA SER B 134 27.58 -13.44 -32.85
C SER B 134 28.25 -13.27 -31.46
N PRO B 135 28.93 -12.18 -31.22
CA PRO B 135 29.57 -12.03 -29.91
C PRO B 135 28.59 -11.63 -28.81
N THR B 136 27.30 -11.65 -29.11
CA THR B 136 26.21 -11.17 -28.18
C THR B 136 25.18 -12.25 -27.90
N THR B 137 24.54 -12.74 -28.94
CA THR B 137 23.54 -13.79 -28.77
C THR B 137 23.96 -15.10 -29.43
N GLY B 138 25.07 -15.03 -30.14
CA GLY B 138 25.53 -16.15 -30.98
C GLY B 138 24.58 -16.38 -32.15
N ASN B 139 23.84 -15.40 -32.54
CA ASN B 139 22.87 -15.39 -33.62
C ASN B 139 21.95 -16.61 -33.58
N ALA B 140 21.23 -16.67 -32.45
CA ALA B 140 20.25 -17.78 -32.23
C ALA B 140 18.85 -17.21 -32.03
N GLY B 141 18.77 -15.92 -31.87
CA GLY B 141 17.56 -15.15 -31.68
C GLY B 141 16.31 -15.81 -32.14
N GLY B 142 15.36 -15.92 -31.28
CA GLY B 142 14.04 -16.54 -31.46
C GLY B 142 13.77 -17.21 -30.13
N ARG B 143 13.10 -16.52 -29.21
CA ARG B 143 12.82 -17.09 -27.86
C ARG B 143 11.64 -17.99 -27.83
N LEU B 144 11.86 -19.29 -28.13
CA LEU B 144 10.70 -20.21 -28.21
C LEU B 144 10.02 -20.45 -26.86
N ALA B 145 10.84 -20.59 -25.86
CA ALA B 145 10.32 -20.97 -24.54
C ALA B 145 11.33 -20.68 -23.44
N CYS B 146 10.73 -20.45 -22.24
CA CYS B 146 11.47 -20.04 -21.08
C CYS B 146 10.75 -20.19 -19.74
N GLY B 147 11.56 -20.02 -18.69
CA GLY B 147 11.01 -20.08 -17.32
C GLY B 147 11.95 -19.61 -16.23
N VAL B 148 11.33 -19.18 -15.12
CA VAL B 148 12.02 -18.73 -13.94
C VAL B 148 12.59 -19.97 -13.19
N VAL B 149 13.87 -19.89 -12.89
CA VAL B 149 14.58 -20.89 -12.04
C VAL B 149 14.01 -20.77 -10.63
N GLY B 150 13.22 -21.78 -10.20
CA GLY B 150 12.66 -21.68 -8.82
C GLY B 150 13.08 -22.81 -7.94
N LEU B 151 13.04 -22.61 -6.62
CA LEU B 151 13.51 -23.65 -5.66
C LEU B 151 12.56 -24.82 -5.69
N THR B 152 13.13 -26.01 -5.44
CA THR B 152 12.30 -27.25 -5.38
C THR B 152 12.82 -28.03 -4.20
N PRO B 153 12.06 -28.87 -3.57
CA PRO B 153 12.53 -29.64 -2.44
C PRO B 153 13.82 -30.33 -2.71
N VAL B 154 14.86 -29.93 -2.01
CA VAL B 154 16.24 -30.52 -2.05
C VAL B 154 16.15 -31.99 -2.11
N ALA C 1 -23.74 1.20 19.18
CA ALA C 1 -23.27 1.93 18.01
C ALA C 1 -23.73 3.38 18.00
N THR C 2 -23.05 4.16 18.80
CA THR C 2 -23.28 5.61 18.83
C THR C 2 -22.00 6.23 18.29
N LYS C 3 -22.02 7.27 17.49
CA LYS C 3 -20.85 7.95 16.98
C LYS C 3 -20.94 9.43 17.25
N LYS C 4 -19.92 10.01 17.80
CA LYS C 4 -19.83 11.43 18.20
C LYS C 4 -18.67 12.11 17.43
N ALA C 5 -18.82 13.43 17.21
CA ALA C 5 -17.81 14.23 16.54
C ALA C 5 -17.79 15.62 17.14
N VAL C 6 -16.73 16.34 16.86
CA VAL C 6 -16.57 17.71 17.43
C VAL C 6 -15.99 18.61 16.39
N ALA C 7 -16.17 19.94 16.58
CA ALA C 7 -15.63 20.96 15.64
C ALA C 7 -15.45 22.23 16.48
N VAL C 8 -14.18 22.56 16.70
CA VAL C 8 -13.83 23.79 17.44
C VAL C 8 -13.65 24.99 16.52
N LEU C 9 -14.64 25.88 16.49
CA LEU C 9 -14.60 27.05 15.62
C LEU C 9 -13.64 28.15 16.01
N LYS C 10 -12.89 28.63 15.03
CA LYS C 10 -11.94 29.72 15.21
C LYS C 10 -11.62 30.26 13.82
N GLY C 11 -11.84 31.53 13.68
CA GLY C 11 -11.50 32.22 12.39
C GLY C 11 -10.40 33.20 12.72
N THR C 12 -10.35 34.27 11.96
CA THR C 12 -9.33 35.33 12.17
C THR C 12 -10.00 36.51 12.81
N SER C 13 -11.20 36.26 13.32
CA SER C 13 -12.02 37.25 14.04
C SER C 13 -11.89 36.90 15.54
N ASN C 14 -12.69 37.56 16.35
CA ASN C 14 -12.81 37.20 17.80
C ASN C 14 -14.15 36.40 17.86
N VAL C 15 -14.29 35.50 16.87
CA VAL C 15 -15.53 34.61 16.89
C VAL C 15 -14.93 33.20 17.16
N GLU C 16 -15.29 32.64 18.27
CA GLU C 16 -14.76 31.33 18.75
C GLU C 16 -15.68 30.22 18.37
N GLY C 17 -16.38 29.54 19.27
CA GLY C 17 -17.34 28.50 18.96
C GLY C 17 -16.87 27.05 19.08
N VAL C 18 -17.81 26.17 19.40
CA VAL C 18 -17.55 24.71 19.54
C VAL C 18 -18.86 23.95 19.34
N VAL C 19 -18.77 22.91 18.52
CA VAL C 19 -19.92 22.12 18.08
C VAL C 19 -19.60 20.63 18.21
N THR C 20 -20.61 19.94 18.68
CA THR C 20 -20.62 18.48 18.89
C THR C 20 -21.81 17.99 18.03
N LEU C 21 -21.59 16.83 17.46
CA LEU C 21 -22.52 16.14 16.58
C LEU C 21 -22.60 14.72 17.15
N THR C 22 -23.75 14.14 17.09
CA THR C 22 -23.98 12.81 17.68
C THR C 22 -24.93 12.07 16.71
N GLN C 23 -24.64 10.80 16.62
CA GLN C 23 -25.39 9.92 15.76
C GLN C 23 -25.48 8.51 16.33
N GLU C 24 -26.65 7.98 16.32
CA GLU C 24 -26.97 6.64 16.83
C GLU C 24 -27.43 5.76 15.67
N ASP C 25 -27.29 4.51 15.79
CA ASP C 25 -27.60 3.41 14.90
C ASP C 25 -27.01 3.65 13.52
N ASP C 26 -27.55 4.61 12.84
CA ASP C 26 -27.17 5.03 11.46
C ASP C 26 -28.40 5.87 11.07
N GLY C 27 -28.72 6.74 12.05
CA GLY C 27 -29.86 7.63 11.93
C GLY C 27 -29.60 9.10 11.89
N PRO C 28 -30.61 9.84 12.35
CA PRO C 28 -30.59 11.33 12.43
C PRO C 28 -29.42 11.82 13.23
N THR C 29 -28.94 13.04 13.04
CA THR C 29 -27.78 13.49 13.84
C THR C 29 -28.17 14.76 14.61
N THR C 30 -27.63 14.85 15.83
CA THR C 30 -27.87 15.99 16.71
C THR C 30 -26.63 16.85 16.85
N VAL C 31 -26.79 18.10 16.44
CA VAL C 31 -25.73 19.11 16.55
C VAL C 31 -26.06 20.10 17.63
N ASN C 32 -25.10 20.27 18.51
CA ASN C 32 -25.14 21.19 19.67
C ASN C 32 -24.06 22.20 19.31
N VAL C 33 -24.39 23.45 19.33
CA VAL C 33 -23.63 24.58 18.83
C VAL C 33 -23.57 25.68 19.88
N ARG C 34 -22.42 26.22 20.12
CA ARG C 34 -22.30 27.34 21.06
C ARG C 34 -21.14 28.14 20.51
N ILE C 35 -21.51 29.37 20.18
CA ILE C 35 -20.58 30.31 19.56
C ILE C 35 -20.82 31.69 20.13
N SER C 36 -19.80 32.35 20.51
CA SER C 36 -19.46 33.56 21.12
C SER C 36 -18.63 34.55 20.33
N GLY C 37 -19.02 35.82 20.30
CA GLY C 37 -18.24 36.90 19.67
C GLY C 37 -18.87 37.33 18.33
N LEU C 38 -20.13 37.13 18.23
CA LEU C 38 -21.01 37.36 17.07
C LEU C 38 -21.93 38.58 17.30
N ALA C 39 -22.12 39.34 16.23
CA ALA C 39 -23.07 40.48 16.25
C ALA C 39 -24.47 39.88 16.40
N PRO C 40 -25.25 40.49 17.25
CA PRO C 40 -26.58 40.05 17.62
C PRO C 40 -27.39 39.71 16.38
N GLY C 41 -28.23 38.68 16.45
CA GLY C 41 -29.02 38.43 15.17
C GLY C 41 -28.68 37.10 14.56
N LYS C 42 -29.35 36.86 13.43
CA LYS C 42 -29.24 35.65 12.62
C LYS C 42 -27.94 35.69 11.82
N HIS C 43 -27.34 34.54 11.55
CA HIS C 43 -26.10 34.45 10.77
C HIS C 43 -26.26 33.36 9.71
N GLY C 44 -25.45 32.45 9.54
CA GLY C 44 -25.57 31.36 8.50
C GLY C 44 -24.84 30.24 9.29
N PHE C 45 -25.23 29.05 9.10
CA PHE C 45 -24.58 27.91 9.78
C PHE C 45 -24.74 26.81 8.72
N HIS C 46 -23.60 26.56 8.08
CA HIS C 46 -23.53 25.58 7.01
C HIS C 46 -22.44 24.54 7.22
N LEU C 47 -22.63 23.45 6.51
CA LEU C 47 -21.61 22.36 6.46
C LEU C 47 -21.01 22.50 5.07
N HIS C 48 -19.82 23.10 5.05
CA HIS C 48 -19.06 23.34 3.80
C HIS C 48 -18.26 22.06 3.48
N GLU C 49 -18.09 21.83 2.20
CA GLU C 49 -17.43 20.66 1.65
C GLU C 49 -16.10 20.15 2.10
N PHE C 50 -15.11 20.99 2.22
CA PHE C 50 -13.76 20.54 2.52
C PHE C 50 -13.35 21.06 3.93
N GLY C 51 -12.41 20.22 4.43
CA GLY C 51 -11.82 20.55 5.75
C GLY C 51 -10.64 21.51 5.50
N ASP C 52 -10.30 21.81 4.29
CA ASP C 52 -9.11 22.62 3.91
C ASP C 52 -8.52 23.39 5.08
N THR C 53 -8.79 24.57 5.39
CA THR C 53 -8.43 25.51 6.42
C THR C 53 -7.12 26.17 6.22
N THR C 54 -6.45 25.85 5.10
CA THR C 54 -5.12 26.39 4.85
C THR C 54 -5.00 27.79 4.34
N ASN C 55 -6.04 28.31 3.76
CA ASN C 55 -6.07 29.76 3.32
C ASN C 55 -7.38 30.10 4.06
N GLY C 56 -7.22 30.20 5.35
CA GLY C 56 -8.29 30.45 6.32
C GLY C 56 -9.48 29.54 6.05
N CYS C 57 -10.67 30.16 6.19
CA CYS C 57 -11.97 29.62 6.01
C CYS C 57 -12.38 29.62 4.53
N MET C 58 -11.69 30.45 3.77
CA MET C 58 -12.01 30.50 2.30
C MET C 58 -11.57 29.31 1.55
N SER C 59 -11.10 28.27 2.19
CA SER C 59 -10.64 27.01 1.59
C SER C 59 -11.63 25.92 1.77
N THR C 60 -12.53 26.00 2.73
CA THR C 60 -13.60 25.05 3.00
C THR C 60 -14.50 24.75 1.80
N GLY C 61 -14.42 25.54 0.76
CA GLY C 61 -15.17 25.34 -0.48
C GLY C 61 -16.61 25.79 -0.35
N PRO C 62 -17.42 25.24 -1.24
CA PRO C 62 -18.86 25.46 -1.26
C PRO C 62 -19.52 24.68 -0.13
N HIS C 63 -20.84 24.74 -0.10
CA HIS C 63 -21.59 23.93 0.88
C HIS C 63 -21.58 22.48 0.39
N PHE C 64 -21.60 21.56 1.36
CA PHE C 64 -21.67 20.15 1.17
C PHE C 64 -23.04 19.79 0.55
N ASN C 65 -22.94 19.26 -0.66
CA ASN C 65 -24.10 18.94 -1.50
C ASN C 65 -23.90 17.66 -2.30
N PRO C 66 -24.10 16.51 -1.72
CA PRO C 66 -23.94 15.22 -2.37
C PRO C 66 -25.04 14.96 -3.40
N ASP C 67 -26.22 15.37 -3.00
CA ASP C 67 -27.41 15.26 -3.85
C ASP C 67 -27.46 16.26 -4.98
N LYS C 68 -26.55 17.20 -5.02
CA LYS C 68 -26.49 18.27 -6.03
C LYS C 68 -27.88 18.95 -6.11
N LYS C 69 -28.10 19.97 -5.33
CA LYS C 69 -29.39 20.70 -5.39
C LYS C 69 -29.03 22.20 -5.25
N THR C 70 -30.03 23.00 -4.99
CA THR C 70 -29.89 24.40 -4.72
C THR C 70 -29.85 24.60 -3.21
N HIS C 71 -29.42 25.76 -2.82
CA HIS C 71 -29.41 26.19 -1.38
C HIS C 71 -30.87 26.26 -0.91
N GLY C 72 -31.04 26.16 0.39
CA GLY C 72 -32.32 26.23 1.09
C GLY C 72 -32.12 26.23 2.60
N ALA C 73 -33.21 25.79 3.25
CA ALA C 73 -33.34 25.70 4.71
C ALA C 73 -33.50 24.22 5.00
N PRO C 74 -33.11 23.79 6.18
CA PRO C 74 -33.21 22.36 6.52
C PRO C 74 -34.60 21.87 6.17
N GLU C 75 -35.57 22.66 6.56
CA GLU C 75 -37.01 22.33 6.25
C GLU C 75 -37.35 22.88 4.88
N ASP C 76 -36.88 22.21 3.88
CA ASP C 76 -37.00 22.49 2.45
C ASP C 76 -36.37 21.20 1.84
N GLU C 77 -37.00 20.80 0.77
CA GLU C 77 -36.67 19.60 0.01
C GLU C 77 -35.62 19.87 -1.04
N VAL C 78 -35.50 21.03 -1.54
CA VAL C 78 -34.56 21.47 -2.57
C VAL C 78 -33.21 21.71 -2.02
N ARG C 79 -33.09 21.85 -0.75
CA ARG C 79 -31.92 22.13 0.08
C ARG C 79 -30.60 21.55 -0.34
N HIS C 80 -29.49 22.23 -0.05
CA HIS C 80 -28.14 21.63 -0.34
C HIS C 80 -27.93 20.31 0.38
N ALA C 81 -27.46 20.22 1.56
CA ALA C 81 -27.26 19.10 2.45
C ALA C 81 -26.54 19.64 3.70
N GLY C 82 -25.62 20.52 3.45
CA GLY C 82 -24.83 21.19 4.43
C GLY C 82 -25.55 22.33 5.09
N ASP C 83 -26.69 22.74 4.60
CA ASP C 83 -27.50 23.84 5.01
C ASP C 83 -28.24 23.51 6.31
N LEU C 84 -27.78 24.21 7.34
CA LEU C 84 -28.35 24.03 8.69
C LEU C 84 -29.08 25.29 9.17
N GLY C 85 -29.66 26.04 8.28
CA GLY C 85 -30.44 27.25 8.60
C GLY C 85 -29.68 28.45 9.10
N ASN C 86 -30.15 28.98 10.23
CA ASN C 86 -29.56 30.13 10.93
C ASN C 86 -29.66 29.86 12.44
N ILE C 87 -28.69 30.51 13.05
CA ILE C 87 -28.53 30.45 14.54
C ILE C 87 -28.50 31.97 14.88
N VAL C 88 -29.07 32.28 15.95
CA VAL C 88 -29.34 33.66 16.39
C VAL C 88 -28.48 34.02 17.60
N ALA C 89 -27.82 35.15 17.53
CA ALA C 89 -27.01 35.57 18.70
C ALA C 89 -27.85 36.41 19.67
N ASN C 90 -27.73 36.01 20.97
CA ASN C 90 -28.28 36.76 22.10
C ASN C 90 -27.57 38.15 21.98
N THR C 91 -27.86 38.91 23.02
CA THR C 91 -27.36 40.33 23.18
C THR C 91 -26.02 40.41 23.79
N ASP C 92 -25.42 39.32 24.21
CA ASP C 92 -24.12 39.10 24.75
C ASP C 92 -23.20 38.48 23.65
N GLY C 93 -23.85 38.35 22.48
CA GLY C 93 -23.15 37.81 21.32
C GLY C 93 -23.00 36.32 21.35
N VAL C 94 -23.95 35.62 21.94
CA VAL C 94 -23.86 34.15 22.02
C VAL C 94 -25.12 33.51 21.36
N ALA C 95 -24.87 32.44 20.68
CA ALA C 95 -25.77 31.56 20.02
C ALA C 95 -25.46 30.13 20.51
N GLU C 96 -26.44 29.60 21.10
CA GLU C 96 -26.63 28.27 21.62
C GLU C 96 -27.87 27.77 20.79
N ALA C 97 -27.58 26.86 19.90
CA ALA C 97 -28.55 26.19 19.04
C ALA C 97 -28.46 24.69 19.13
N THR C 98 -29.55 24.02 18.94
CA THR C 98 -29.67 22.56 18.90
C THR C 98 -30.41 22.16 17.63
N ILE C 99 -29.55 21.63 16.73
CA ILE C 99 -30.04 21.27 15.38
C ILE C 99 -30.13 19.78 15.26
N VAL C 100 -31.24 19.30 14.70
CA VAL C 100 -31.50 17.90 14.38
C VAL C 100 -31.81 17.69 12.87
N ASP C 101 -30.79 17.26 12.16
CA ASP C 101 -30.78 17.00 10.73
C ASP C 101 -30.58 15.55 10.33
N ASN C 102 -31.15 15.16 9.16
CA ASN C 102 -30.96 13.74 8.70
C ASN C 102 -30.03 13.71 7.48
N GLN C 103 -29.47 14.87 7.16
CA GLN C 103 -28.63 14.95 5.93
C GLN C 103 -27.17 15.12 6.20
N ILE C 104 -26.75 14.85 7.43
CA ILE C 104 -25.29 15.05 7.75
C ILE C 104 -24.73 13.94 8.55
N PRO C 105 -24.75 12.71 8.04
CA PRO C 105 -24.33 11.54 8.79
C PRO C 105 -22.89 11.56 9.21
N LEU C 106 -22.54 10.56 10.03
CA LEU C 106 -21.16 10.44 10.47
C LEU C 106 -20.57 9.16 9.87
N THR C 107 -21.36 8.43 9.06
CA THR C 107 -20.84 7.11 8.60
C THR C 107 -21.31 6.86 7.18
N GLY C 108 -20.57 6.04 6.41
CA GLY C 108 -21.00 5.77 5.00
C GLY C 108 -20.78 6.97 4.09
N PRO C 109 -21.25 6.76 2.84
CA PRO C 109 -21.10 7.82 1.79
C PRO C 109 -21.84 9.02 2.32
N ASN C 110 -21.35 10.24 2.17
CA ASN C 110 -22.10 11.40 2.67
C ASN C 110 -21.73 11.72 4.11
N SER C 111 -20.83 10.98 4.72
CA SER C 111 -20.32 11.25 6.07
C SER C 111 -19.69 12.62 6.12
N VAL C 112 -20.02 13.41 7.11
CA VAL C 112 -19.50 14.76 7.34
C VAL C 112 -18.24 14.76 8.20
N VAL C 113 -17.44 13.71 8.20
CA VAL C 113 -16.20 13.63 8.99
C VAL C 113 -15.06 14.22 8.14
N GLY C 114 -14.21 14.96 8.71
CA GLY C 114 -13.08 15.60 8.00
C GLY C 114 -13.50 16.79 7.19
N ARG C 115 -14.71 17.20 7.25
CA ARG C 115 -15.25 18.39 6.57
C ARG C 115 -15.31 19.59 7.48
N ALA C 116 -15.99 20.65 7.11
CA ALA C 116 -16.03 21.86 7.97
C ALA C 116 -17.40 22.51 8.05
N LEU C 117 -17.61 23.08 9.26
CA LEU C 117 -18.79 23.85 9.66
C LEU C 117 -18.31 25.32 9.72
N VAL C 118 -19.03 26.21 9.06
CA VAL C 118 -18.68 27.62 9.04
C VAL C 118 -19.91 28.43 9.55
N VAL C 119 -19.59 29.48 10.28
CA VAL C 119 -20.53 30.47 10.81
C VAL C 119 -20.29 31.77 9.98
N HIS C 120 -21.34 32.10 9.25
CA HIS C 120 -21.38 33.21 8.30
C HIS C 120 -21.52 34.54 8.94
N GLU C 121 -21.12 35.64 8.32
CA GLU C 121 -21.33 36.93 9.01
C GLU C 121 -22.77 37.41 8.94
N LEU C 122 -23.44 37.29 7.82
CA LEU C 122 -24.83 37.75 7.64
C LEU C 122 -25.81 36.57 7.57
N GLU C 123 -27.05 37.00 7.54
CA GLU C 123 -28.19 36.07 7.57
C GLU C 123 -28.38 35.27 6.31
N ASP C 124 -28.88 34.07 6.51
CA ASP C 124 -29.16 33.13 5.45
C ASP C 124 -30.52 33.43 4.82
N ASP C 125 -30.57 33.69 3.55
CA ASP C 125 -31.80 33.91 2.82
C ASP C 125 -32.74 32.71 2.86
N LEU C 126 -32.19 31.54 2.77
CA LEU C 126 -32.89 30.25 2.70
C LEU C 126 -33.21 29.91 1.26
N GLY C 127 -32.69 30.79 0.40
CA GLY C 127 -32.92 30.74 -1.06
C GLY C 127 -34.20 31.59 -1.32
N LYS C 128 -34.84 32.08 -0.27
CA LYS C 128 -36.09 32.84 -0.47
C LYS C 128 -35.84 34.14 -1.23
N GLY C 129 -34.67 34.71 -1.22
CA GLY C 129 -34.51 35.98 -1.98
C GLY C 129 -34.37 35.67 -3.45
N GLY C 130 -33.86 36.64 -4.17
CA GLY C 130 -33.60 36.45 -5.63
C GLY C 130 -32.31 37.20 -5.95
N HIS C 131 -31.36 37.08 -5.03
CA HIS C 131 -30.09 37.83 -5.13
C HIS C 131 -29.20 37.44 -6.23
N GLU C 132 -28.80 36.24 -6.37
CA GLU C 132 -27.97 35.59 -7.34
C GLU C 132 -27.19 34.49 -6.55
N LEU C 133 -26.84 34.85 -5.36
CA LEU C 133 -26.07 33.91 -4.49
C LEU C 133 -27.07 33.16 -3.62
N SER C 134 -28.34 33.58 -3.61
CA SER C 134 -29.39 32.89 -2.98
C SER C 134 -29.38 31.39 -3.28
N PRO C 135 -29.30 30.95 -4.53
CA PRO C 135 -29.28 29.54 -4.87
C PRO C 135 -28.07 28.75 -4.39
N THR C 136 -27.03 29.47 -4.01
CA THR C 136 -25.72 29.04 -3.59
C THR C 136 -25.31 29.26 -2.14
N THR C 137 -25.34 30.46 -1.60
CA THR C 137 -24.94 30.81 -0.24
C THR C 137 -25.99 31.36 0.74
N GLY C 138 -27.13 31.77 0.27
CA GLY C 138 -28.22 32.35 1.12
C GLY C 138 -27.88 33.83 1.38
N ASN C 139 -26.96 34.34 0.63
CA ASN C 139 -26.37 35.70 0.70
C ASN C 139 -25.98 36.04 2.11
N ALA C 140 -25.45 35.02 2.77
CA ALA C 140 -25.03 35.01 4.17
C ALA C 140 -23.65 35.49 4.42
N GLY C 141 -22.84 35.40 3.36
CA GLY C 141 -21.51 35.59 3.13
C GLY C 141 -20.50 36.24 3.96
N GLY C 142 -19.35 35.62 4.03
CA GLY C 142 -18.24 36.29 4.91
C GLY C 142 -18.16 35.15 5.97
N ARG C 143 -17.12 34.38 5.94
CA ARG C 143 -16.90 33.24 6.84
C ARG C 143 -16.22 33.75 8.07
N LEU C 144 -16.85 33.86 9.18
CA LEU C 144 -16.26 34.43 10.41
C LEU C 144 -15.48 33.37 11.22
N ALA C 145 -15.86 32.12 11.04
CA ALA C 145 -15.18 31.06 11.80
C ALA C 145 -15.58 29.72 11.22
N CYS C 146 -14.70 28.76 11.34
CA CYS C 146 -14.90 27.39 10.88
C CYS C 146 -14.09 26.37 11.65
N GLY C 147 -14.42 25.10 11.43
CA GLY C 147 -13.79 23.96 12.08
C GLY C 147 -13.84 22.62 11.36
N VAL C 148 -12.74 21.88 11.49
CA VAL C 148 -12.61 20.54 10.89
C VAL C 148 -13.32 19.54 11.82
N VAL C 149 -14.37 18.92 11.29
CA VAL C 149 -15.19 17.99 12.10
C VAL C 149 -14.29 16.80 12.43
N GLY C 150 -13.84 16.67 13.64
CA GLY C 150 -12.97 15.51 13.99
C GLY C 150 -13.76 14.54 14.86
N LEU C 151 -13.31 13.31 14.90
CA LEU C 151 -13.88 12.22 15.68
C LEU C 151 -13.56 12.48 17.18
N THR C 152 -14.50 12.11 17.97
CA THR C 152 -14.37 12.30 19.47
C THR C 152 -14.84 10.99 20.04
N PRO C 153 -14.31 10.60 21.19
CA PRO C 153 -14.64 9.32 21.82
C PRO C 153 -16.13 9.13 22.04
N VAL C 154 -16.47 7.91 22.35
CA VAL C 154 -17.91 7.53 22.51
C VAL C 154 -18.09 6.60 23.69
N ALA D 1 -9.13 6.76 -9.24
CA ALA D 1 -9.44 7.58 -8.03
C ALA D 1 -8.14 7.86 -7.28
N THR D 2 -8.11 8.99 -6.65
CA THR D 2 -7.05 9.60 -5.89
C THR D 2 -7.70 10.54 -4.86
N LYS D 3 -7.11 10.45 -3.64
CA LYS D 3 -7.60 11.22 -2.51
C LYS D 3 -6.48 12.07 -1.91
N LYS D 4 -6.90 13.19 -1.33
CA LYS D 4 -5.98 14.07 -0.64
C LYS D 4 -6.67 14.66 0.65
N ALA D 5 -5.80 15.02 1.59
CA ALA D 5 -6.28 15.63 2.85
C ALA D 5 -5.17 16.50 3.36
N VAL D 6 -5.49 17.48 4.17
CA VAL D 6 -4.50 18.40 4.78
C VAL D 6 -4.66 18.47 6.30
N ALA D 7 -3.68 18.97 7.00
CA ALA D 7 -3.76 19.11 8.49
C ALA D 7 -2.91 20.29 8.91
N VAL D 8 -3.59 21.30 9.44
CA VAL D 8 -2.92 22.55 9.86
C VAL D 8 -2.68 22.43 11.35
N LEU D 9 -1.40 22.16 11.63
CA LEU D 9 -0.89 22.02 12.98
C LEU D 9 -0.77 23.42 13.62
N LYS D 10 -1.46 23.51 14.76
CA LYS D 10 -1.43 24.75 15.57
C LYS D 10 -1.57 24.33 17.03
N GLY D 11 -0.76 24.97 17.84
CA GLY D 11 -0.69 24.74 19.30
C GLY D 11 -0.72 26.13 19.98
N THR D 12 -0.36 26.11 21.22
CA THR D 12 -0.27 27.28 22.11
C THR D 12 1.19 27.57 22.33
N SER D 13 1.95 27.15 21.36
CA SER D 13 3.41 27.29 21.32
C SER D 13 3.73 27.99 19.98
N ASN D 14 4.96 28.40 19.77
CA ASN D 14 5.29 29.06 18.48
C ASN D 14 5.50 28.06 17.35
N VAL D 15 4.90 26.88 17.48
CA VAL D 15 4.95 25.81 16.52
C VAL D 15 3.75 25.95 15.56
N GLU D 16 4.05 25.98 14.29
CA GLU D 16 2.98 26.15 13.25
C GLU D 16 2.81 24.84 12.56
N GLY D 17 2.79 24.71 11.28
CA GLY D 17 2.68 23.60 10.43
C GLY D 17 1.46 23.36 9.60
N VAL D 18 1.72 22.56 8.56
CA VAL D 18 0.82 22.06 7.57
C VAL D 18 1.47 20.84 6.92
N VAL D 19 0.61 19.87 6.77
CA VAL D 19 0.90 18.56 6.26
C VAL D 19 -0.23 18.14 5.30
N THR D 20 0.16 17.68 4.13
CA THR D 20 -0.69 17.20 3.05
C THR D 20 -0.51 15.67 2.98
N LEU D 21 -1.58 14.94 2.84
CA LEU D 21 -1.58 13.47 2.76
C LEU D 21 -2.17 13.15 1.36
N THR D 22 -1.54 12.32 0.61
CA THR D 22 -2.05 12.01 -0.76
C THR D 22 -2.21 10.49 -0.84
N GLN D 23 -3.19 10.03 -1.59
CA GLN D 23 -3.38 8.59 -1.75
C GLN D 23 -4.03 8.23 -3.07
N GLU D 24 -3.37 7.21 -3.70
CA GLU D 24 -3.87 6.66 -4.95
C GLU D 24 -4.42 5.24 -4.87
N ASP D 25 -5.56 5.15 -5.51
CA ASP D 25 -6.35 3.91 -5.70
C ASP D 25 -6.80 3.48 -4.31
N ASP D 26 -5.93 2.82 -3.60
CA ASP D 26 -6.12 2.27 -2.26
C ASP D 26 -4.88 1.39 -2.04
N GLY D 27 -3.78 2.08 -2.21
CA GLY D 27 -2.39 1.71 -2.02
C GLY D 27 -1.88 2.62 -0.88
N PRO D 28 -0.65 3.03 -0.96
CA PRO D 28 -0.03 3.86 0.05
C PRO D 28 -0.33 5.34 -0.04
N THR D 29 0.00 5.99 1.07
CA THR D 29 -0.20 7.40 1.26
C THR D 29 1.12 8.10 1.37
N THR D 30 1.23 9.24 0.81
CA THR D 30 2.42 10.10 0.87
C THR D 30 2.11 11.27 1.82
N VAL D 31 2.99 11.51 2.80
CA VAL D 31 2.72 12.65 3.72
C VAL D 31 3.90 13.61 3.66
N ASN D 32 3.65 14.83 3.26
CA ASN D 32 4.64 15.91 3.14
C ASN D 32 4.44 16.80 4.33
N VAL D 33 5.48 17.03 5.10
CA VAL D 33 5.38 17.80 6.33
C VAL D 33 6.30 18.99 6.39
N ARG D 34 5.73 20.16 6.77
CA ARG D 34 6.53 21.38 6.99
C ARG D 34 5.92 22.00 8.26
N ILE D 35 6.82 22.05 9.23
CA ILE D 35 6.56 22.58 10.58
C ILE D 35 7.81 23.41 10.93
N SER D 36 7.69 24.51 11.57
CA SER D 36 8.56 25.53 12.07
C SER D 36 8.29 25.84 13.57
N GLY D 37 9.32 26.30 14.29
CA GLY D 37 9.08 26.74 15.71
C GLY D 37 9.40 25.71 16.75
N LEU D 38 10.12 24.77 16.31
CA LEU D 38 10.57 23.55 17.01
C LEU D 38 12.06 23.76 17.27
N ALA D 39 12.59 23.09 18.26
CA ALA D 39 14.01 23.10 18.57
C ALA D 39 14.68 22.16 17.58
N PRO D 40 15.84 22.52 17.06
CA PRO D 40 16.59 21.63 16.15
C PRO D 40 16.76 20.24 16.78
N GLY D 41 16.60 19.20 15.97
CA GLY D 41 16.70 17.82 16.42
C GLY D 41 15.53 16.96 16.00
N LYS D 42 15.53 15.77 16.60
CA LYS D 42 14.48 14.74 16.39
C LYS D 42 13.28 14.90 17.25
N HIS D 43 12.03 14.94 16.66
CA HIS D 43 10.78 15.07 17.34
C HIS D 43 9.94 13.86 17.62
N GLY D 44 8.91 13.50 17.01
CA GLY D 44 7.99 12.38 17.26
C GLY D 44 6.75 12.94 16.52
N PHE D 45 6.24 12.11 15.65
CA PHE D 45 5.13 12.59 14.78
C PHE D 45 4.19 11.42 14.59
N HIS D 46 3.01 11.50 15.19
CA HIS D 46 2.06 10.39 15.14
C HIS D 46 0.69 10.76 14.66
N LEU D 47 -0.11 9.78 14.30
CA LEU D 47 -1.53 9.97 13.90
C LEU D 47 -2.26 9.47 15.18
N HIS D 48 -2.72 10.46 15.91
CA HIS D 48 -3.41 10.19 17.22
C HIS D 48 -4.85 9.82 16.93
N GLU D 49 -5.44 9.03 17.78
CA GLU D 49 -6.75 8.51 17.59
C GLU D 49 -7.80 9.56 17.14
N PHE D 50 -8.25 10.32 18.11
CA PHE D 50 -9.37 11.25 17.89
C PHE D 50 -8.93 12.55 17.25
N GLY D 51 -9.93 13.25 16.75
CA GLY D 51 -9.82 14.59 16.21
C GLY D 51 -10.27 15.68 17.21
N ASP D 52 -10.73 15.48 18.39
CA ASP D 52 -11.12 16.52 19.37
C ASP D 52 -10.62 17.95 19.21
N THR D 53 -9.59 18.40 19.87
CA THR D 53 -9.04 19.75 19.88
C THR D 53 -9.66 20.61 20.96
N THR D 54 -10.74 20.20 21.58
CA THR D 54 -11.41 20.96 22.65
C THR D 54 -10.50 21.22 23.87
N ASN D 55 -9.69 20.30 24.20
CA ASN D 55 -8.73 20.36 25.32
C ASN D 55 -7.35 20.24 24.64
N GLY D 56 -7.08 21.29 23.87
CA GLY D 56 -5.84 21.41 23.09
C GLY D 56 -5.60 20.11 22.36
N CYS D 57 -4.35 19.64 22.44
CA CYS D 57 -3.90 18.41 21.82
C CYS D 57 -4.00 17.20 22.73
N MET D 58 -4.39 17.46 23.95
CA MET D 58 -4.48 16.44 25.02
C MET D 58 -5.80 15.69 24.97
N SER D 59 -6.46 15.74 23.86
CA SER D 59 -7.78 15.06 23.66
C SER D 59 -7.85 14.37 22.32
N THR D 60 -6.75 14.44 21.58
CA THR D 60 -6.62 13.75 20.27
C THR D 60 -6.32 12.27 20.58
N GLY D 61 -6.19 11.95 21.87
CA GLY D 61 -5.98 10.73 22.50
C GLY D 61 -4.69 9.99 22.26
N PRO D 62 -4.75 8.67 22.32
CA PRO D 62 -3.64 7.78 22.09
C PRO D 62 -3.25 7.62 20.61
N HIS D 63 -2.35 6.66 20.37
CA HIS D 63 -1.97 6.39 18.97
C HIS D 63 -3.10 5.65 18.34
N PHE D 64 -3.29 6.01 17.05
CA PHE D 64 -4.30 5.37 16.19
C PHE D 64 -3.80 3.89 16.14
N ASN D 65 -4.63 3.01 16.59
CA ASN D 65 -4.18 1.59 16.67
C ASN D 65 -5.21 0.58 16.44
N PRO D 66 -5.71 0.39 15.21
CA PRO D 66 -6.73 -0.57 14.89
C PRO D 66 -6.21 -2.01 15.00
N ASP D 67 -4.92 -2.19 14.84
CA ASP D 67 -4.39 -3.60 14.93
C ASP D 67 -4.09 -4.04 16.32
N LYS D 68 -4.08 -3.14 17.27
CA LYS D 68 -3.86 -3.51 18.69
C LYS D 68 -2.50 -4.04 18.82
N LYS D 69 -1.52 -3.12 18.79
CA LYS D 69 -0.11 -3.59 18.87
C LYS D 69 0.57 -2.67 19.88
N THR D 70 1.86 -2.79 19.94
CA THR D 70 2.77 -1.98 20.77
C THR D 70 3.23 -0.78 19.98
N HIS D 71 4.04 0.12 20.51
CA HIS D 71 4.57 1.26 19.76
C HIS D 71 5.87 0.90 19.06
N GLY D 72 6.07 1.32 17.83
CA GLY D 72 7.28 1.02 17.08
C GLY D 72 7.71 2.16 16.15
N ALA D 73 8.49 1.75 15.18
CA ALA D 73 9.01 2.69 14.14
C ALA D 73 8.16 2.38 12.91
N PRO D 74 8.13 3.28 11.96
CA PRO D 74 7.30 3.10 10.72
C PRO D 74 7.75 1.79 10.05
N GLU D 75 9.05 1.56 10.15
CA GLU D 75 9.61 0.33 9.63
C GLU D 75 9.75 -0.69 10.76
N ASP D 76 8.66 -1.20 11.25
CA ASP D 76 8.65 -2.25 12.29
C ASP D 76 7.37 -3.06 12.04
N GLU D 77 7.25 -4.22 12.64
CA GLU D 77 6.00 -4.94 12.55
C GLU D 77 5.17 -4.74 13.81
N VAL D 78 5.74 -4.43 14.93
CA VAL D 78 4.91 -4.34 16.18
C VAL D 78 4.32 -2.98 16.41
N ARG D 79 4.62 -2.00 15.67
CA ARG D 79 4.22 -0.57 15.70
C ARG D 79 2.77 -0.31 15.85
N HIS D 80 2.37 0.92 16.31
CA HIS D 80 0.91 1.18 16.51
C HIS D 80 0.08 1.07 15.27
N ALA D 81 0.03 2.05 14.40
CA ALA D 81 -0.58 2.26 13.16
C ALA D 81 -0.34 3.78 12.73
N GLY D 82 -0.32 4.58 13.77
CA GLY D 82 -0.08 5.97 13.76
C GLY D 82 1.34 6.38 13.94
N ASP D 83 2.28 5.48 14.08
CA ASP D 83 3.73 5.74 14.26
C ASP D 83 4.27 6.17 12.91
N LEU D 84 4.97 7.25 12.95
CA LEU D 84 5.50 7.94 11.73
C LEU D 84 6.91 8.39 12.05
N GLY D 85 7.46 7.92 13.16
CA GLY D 85 8.87 8.16 13.54
C GLY D 85 9.08 9.59 14.00
N ASN D 86 10.31 10.04 13.81
CA ASN D 86 10.78 11.37 14.06
C ASN D 86 11.07 12.10 12.71
N ILE D 87 10.77 13.33 12.68
CA ILE D 87 11.06 14.35 11.69
C ILE D 87 12.21 15.17 12.31
N VAL D 88 13.22 15.44 11.50
CA VAL D 88 14.37 16.21 12.04
C VAL D 88 14.12 17.69 11.92
N ALA D 89 14.31 18.52 12.90
CA ALA D 89 14.13 19.97 12.80
C ALA D 89 15.47 20.67 12.50
N ASN D 90 15.51 21.47 11.46
CA ASN D 90 16.75 22.17 11.07
C ASN D 90 17.07 23.25 12.12
N THR D 91 18.31 23.69 12.08
CA THR D 91 18.91 24.69 12.99
C THR D 91 18.12 25.95 13.21
N ASP D 92 17.18 26.28 12.39
CA ASP D 92 16.31 27.44 12.29
C ASP D 92 14.90 27.12 12.76
N GLY D 93 14.70 25.87 13.06
CA GLY D 93 13.47 25.32 13.56
C GLY D 93 12.43 24.95 12.57
N VAL D 94 12.74 24.73 11.34
CA VAL D 94 11.84 24.27 10.25
C VAL D 94 12.22 22.75 10.06
N ALA D 95 11.18 21.96 9.83
CA ALA D 95 11.24 20.56 9.54
C ALA D 95 10.44 20.22 8.28
N GLU D 96 11.09 19.66 7.33
CA GLU D 96 10.52 19.24 6.04
C GLU D 96 10.74 17.73 5.87
N ALA D 97 9.73 16.93 5.84
CA ALA D 97 9.86 15.47 5.67
C ALA D 97 8.80 14.92 4.74
N THR D 98 9.07 13.72 4.24
CA THR D 98 8.18 13.01 3.34
C THR D 98 8.19 11.55 3.78
N ILE D 99 7.04 11.04 4.10
CA ILE D 99 6.99 9.62 4.59
C ILE D 99 5.90 9.00 3.73
N VAL D 100 6.07 7.82 3.32
CA VAL D 100 5.05 7.08 2.52
C VAL D 100 4.73 5.89 3.46
N ASP D 101 3.50 5.87 3.92
CA ASP D 101 3.10 4.82 4.88
C ASP D 101 1.84 4.09 4.43
N ASN D 102 1.85 2.79 4.54
CA ASN D 102 0.71 1.96 4.09
C ASN D 102 -0.26 1.59 5.25
N GLN D 103 -0.29 2.38 6.29
CA GLN D 103 -1.21 2.06 7.40
C GLN D 103 -2.13 3.25 7.71
N ILE D 104 -1.92 4.32 6.98
CA ILE D 104 -2.77 5.54 7.21
C ILE D 104 -3.55 5.93 6.00
N PRO D 105 -4.58 5.10 5.65
CA PRO D 105 -5.43 5.32 4.53
C PRO D 105 -6.44 6.45 4.60
N LEU D 106 -6.79 6.93 3.37
CA LEU D 106 -7.80 7.96 3.27
C LEU D 106 -9.18 7.40 2.96
N THR D 107 -9.38 6.13 2.85
CA THR D 107 -10.66 5.50 2.58
C THR D 107 -10.82 4.17 3.35
N GLY D 108 -12.05 3.82 3.56
CA GLY D 108 -12.60 2.65 4.19
C GLY D 108 -12.50 2.67 5.69
N PRO D 109 -12.71 1.54 6.34
CA PRO D 109 -12.55 1.41 7.81
C PRO D 109 -11.12 1.79 8.10
N ASN D 110 -10.69 2.27 9.19
CA ASN D 110 -9.20 2.60 9.35
C ASN D 110 -8.86 3.89 8.67
N SER D 111 -9.79 4.46 7.90
CA SER D 111 -9.47 5.75 7.26
C SER D 111 -9.02 6.72 8.37
N VAL D 112 -8.16 7.62 8.02
CA VAL D 112 -7.64 8.64 8.86
C VAL D 112 -8.15 10.04 8.45
N VAL D 113 -9.43 10.11 8.22
CA VAL D 113 -10.07 11.41 7.95
C VAL D 113 -10.74 11.73 9.34
N GLY D 114 -10.60 12.93 9.77
CA GLY D 114 -11.16 13.43 10.99
C GLY D 114 -10.42 12.98 12.23
N ARG D 115 -9.20 12.47 12.05
CA ARG D 115 -8.32 12.13 13.15
C ARG D 115 -7.26 13.21 13.24
N ALA D 116 -6.25 13.10 14.09
CA ALA D 116 -5.23 14.15 14.20
C ALA D 116 -3.81 13.67 14.10
N LEU D 117 -3.00 14.66 13.61
CA LEU D 117 -1.51 14.35 13.51
C LEU D 117 -0.91 15.10 14.68
N VAL D 118 0.04 14.55 15.42
CA VAL D 118 0.63 15.35 16.51
C VAL D 118 2.15 15.36 16.39
N VAL D 119 2.78 16.50 16.51
CA VAL D 119 4.24 16.67 16.51
C VAL D 119 4.60 16.70 18.01
N HIS D 120 5.62 15.95 18.35
CA HIS D 120 6.01 15.75 19.74
C HIS D 120 7.26 16.50 20.13
N GLU D 121 7.30 16.91 21.45
CA GLU D 121 8.50 17.65 21.88
C GLU D 121 9.74 16.79 21.84
N LEU D 122 9.96 15.76 22.58
CA LEU D 122 11.15 14.92 22.71
C LEU D 122 11.26 13.83 21.67
N GLU D 123 12.39 13.39 21.19
CA GLU D 123 12.56 12.33 20.19
C GLU D 123 11.94 10.99 20.63
N ASP D 124 11.16 10.39 19.75
CA ASP D 124 10.53 9.09 19.98
C ASP D 124 11.54 7.96 20.07
N ASP D 125 11.37 7.07 21.06
CA ASP D 125 12.22 5.91 21.25
C ASP D 125 12.10 4.84 20.16
N LEU D 126 11.05 4.86 19.38
CA LEU D 126 10.76 3.80 18.38
C LEU D 126 10.41 2.50 19.17
N GLY D 127 10.21 2.63 20.44
CA GLY D 127 9.87 1.59 21.38
C GLY D 127 11.09 0.82 21.89
N LYS D 128 12.28 1.29 21.58
CA LYS D 128 13.59 0.75 21.87
C LYS D 128 13.98 1.06 23.36
N GLY D 129 13.49 2.09 23.91
CA GLY D 129 13.83 2.43 25.32
C GLY D 129 13.13 1.32 26.19
N GLY D 130 13.38 1.43 27.46
CA GLY D 130 12.73 0.49 28.41
C GLY D 130 12.09 1.48 29.40
N HIS D 131 11.47 2.55 28.88
CA HIS D 131 10.91 3.57 29.79
C HIS D 131 9.69 3.25 30.56
N GLU D 132 8.62 2.81 30.19
CA GLU D 132 7.35 2.49 30.79
C GLU D 132 6.35 3.01 29.73
N LEU D 133 6.68 4.17 29.26
CA LEU D 133 5.94 4.90 28.20
C LEU D 133 6.49 4.49 26.84
N SER D 134 7.72 3.99 26.77
CA SER D 134 8.32 3.41 25.58
C SER D 134 7.36 2.56 24.76
N PRO D 135 6.82 1.49 25.30
CA PRO D 135 5.89 0.62 24.59
C PRO D 135 4.61 1.29 24.18
N THR D 136 4.31 2.47 24.68
CA THR D 136 3.08 3.17 24.29
C THR D 136 3.22 4.49 23.54
N THR D 137 4.20 5.32 23.86
CA THR D 137 4.36 6.66 23.33
C THR D 137 5.69 6.93 22.64
N GLY D 138 6.69 6.15 23.05
CA GLY D 138 8.04 6.35 22.47
C GLY D 138 8.68 7.43 23.36
N ASN D 139 7.96 7.73 24.43
CA ASN D 139 8.43 8.80 25.38
C ASN D 139 8.73 10.06 24.66
N ALA D 140 7.97 10.33 23.59
CA ALA D 140 8.19 11.51 22.76
C ALA D 140 7.52 12.72 23.40
N GLY D 141 6.81 12.43 24.49
CA GLY D 141 6.07 13.19 25.36
C GLY D 141 6.05 14.66 25.48
N GLY D 142 4.99 15.30 25.09
CA GLY D 142 4.86 16.79 25.14
C GLY D 142 4.26 17.12 23.76
N ARG D 143 2.99 17.28 23.70
CA ARG D 143 2.29 17.52 22.38
C ARG D 143 2.34 18.94 22.00
N LEU D 144 3.26 19.35 21.10
CA LEU D 144 3.44 20.70 20.66
C LEU D 144 2.40 21.24 19.68
N ALA D 145 1.93 20.45 18.75
CA ALA D 145 0.95 20.80 17.78
C ALA D 145 0.30 19.61 17.09
N CYS D 146 -0.97 19.83 16.86
CA CYS D 146 -1.86 18.88 16.18
C CYS D 146 -2.86 19.64 15.30
N GLY D 147 -3.67 18.83 14.63
CA GLY D 147 -4.72 19.37 13.76
C GLY D 147 -5.52 18.18 13.22
N VAL D 148 -6.74 18.47 12.82
CA VAL D 148 -7.58 17.35 12.30
C VAL D 148 -7.33 17.23 10.78
N VAL D 149 -7.28 15.96 10.38
CA VAL D 149 -7.14 15.63 8.95
C VAL D 149 -8.51 15.93 8.34
N GLY D 150 -8.51 16.88 7.38
CA GLY D 150 -9.83 17.18 6.75
C GLY D 150 -9.66 16.91 5.21
N LEU D 151 -10.77 16.95 4.53
CA LEU D 151 -10.79 16.79 3.06
C LEU D 151 -10.41 18.09 2.35
N THR D 152 -9.51 17.85 1.36
CA THR D 152 -9.02 19.02 0.54
C THR D 152 -9.29 18.59 -0.90
N PRO D 153 -9.61 19.51 -1.77
CA PRO D 153 -9.96 19.21 -3.17
C PRO D 153 -9.15 18.25 -3.90
N VAL D 154 -8.25 18.47 -4.85
CA VAL D 154 -7.53 17.39 -5.58
C VAL D 154 -6.69 17.91 -6.74
CU CU E . -1.58 -20.54 0.35
ZN ZN F . -0.01 -19.80 6.37
CU CU G . 19.89 -16.71 -25.20
ZN ZN H . 25.87 -15.40 -24.50
CU CU I . -22.00 28.84 3.82
ZN ZN J . -26.34 25.88 0.75
CU CU K . 2.08 10.65 19.53
ZN ZN L . 2.60 4.70 18.87
#